data_5WOS
#
_entry.id   5WOS
#
_cell.length_a   73.786
_cell.length_b   34.670
_cell.length_c   71.726
_cell.angle_alpha   90.00
_cell.angle_beta   114.92
_cell.angle_gamma   90.00
#
_symmetry.space_group_name_H-M   'C 1 2 1'
#
loop_
_entity.id
_entity.type
_entity.pdbx_description
1 polymer 'CNPV058 bcl-2 like protein'
2 polymer 'Bcl-2-like protein 11'
3 water water
#
loop_
_entity_poly.entity_id
_entity_poly.type
_entity_poly.pdbx_seq_one_letter_code
_entity_poly.pdbx_strand_id
1 'polypeptide(L)'
;GPLGSMDPSVKKDEIYYTILNIIQNYFIEYCTGKNRNFHVEDENTYIIVKNMCDIILRDNIVEFRKDIDRCSDIENEIPE
IVYDTIHDKITWGRVISIIAFGAYVTKVFKEKGRDNVVDLMPDIITESLLSRCRSWLSDQNCWDGLKA
;
A
2 'polypeptide(L)' DMRPEIWIAQELRRIGDEFNAYYARR B
#
# COMPACT_ATOMS: atom_id res chain seq x y z
N VAL A 10 -13.86 5.63 -6.21
CA VAL A 10 -15.06 5.67 -5.39
C VAL A 10 -15.94 4.44 -5.64
N LYS A 11 -16.06 4.06 -6.91
CA LYS A 11 -16.99 3.00 -7.29
C LYS A 11 -16.40 1.64 -6.99
N LYS A 12 -17.18 0.79 -6.34
CA LYS A 12 -16.74 -0.56 -5.99
C LYS A 12 -17.12 -1.50 -7.13
N ASP A 13 -16.13 -1.84 -7.94
CA ASP A 13 -16.29 -2.68 -9.11
C ASP A 13 -15.49 -3.97 -8.90
N GLU A 14 -15.28 -4.71 -10.00
CA GLU A 14 -14.34 -5.82 -9.94
C GLU A 14 -12.93 -5.32 -9.71
N ILE A 15 -12.60 -4.14 -10.24
CA ILE A 15 -11.27 -3.57 -10.06
C ILE A 15 -11.05 -3.23 -8.59
N TYR A 16 -12.02 -2.55 -7.97
CA TYR A 16 -11.88 -2.21 -6.55
C TYR A 16 -11.56 -3.44 -5.71
N TYR A 17 -12.25 -4.56 -5.99
CA TYR A 17 -12.09 -5.74 -5.17
C TYR A 17 -10.91 -6.60 -5.64
N THR A 18 -10.54 -6.50 -6.92
CA THR A 18 -9.32 -7.16 -7.37
C THR A 18 -8.11 -6.65 -6.60
N ILE A 19 -8.03 -5.34 -6.38
CA ILE A 19 -6.94 -4.77 -5.60
C ILE A 19 -7.13 -5.04 -4.11
N LEU A 20 -8.34 -4.83 -3.61
CA LEU A 20 -8.59 -4.96 -2.18
C LEU A 20 -8.26 -6.36 -1.67
N ASN A 21 -8.61 -7.39 -2.45
CA ASN A 21 -8.35 -8.76 -2.00
C ASN A 21 -6.88 -8.97 -1.64
N ILE A 22 -5.97 -8.40 -2.44
CA ILE A 22 -4.54 -8.58 -2.19
C ILE A 22 -4.08 -7.71 -1.03
N ILE A 23 -4.49 -6.45 -1.00
CA ILE A 23 -4.10 -5.57 0.09
C ILE A 23 -4.65 -6.08 1.42
N GLN A 24 -5.92 -6.49 1.43
CA GLN A 24 -6.52 -6.96 2.66
C GLN A 24 -5.76 -8.15 3.23
N ASN A 25 -5.35 -9.08 2.37
CA ASN A 25 -4.67 -10.28 2.87
C ASN A 25 -3.21 -10.00 3.24
N TYR A 26 -2.54 -9.08 2.55
CA TYR A 26 -1.19 -8.74 2.95
C TYR A 26 -1.17 -8.05 4.31
N PHE A 27 -2.10 -7.13 4.53
CA PHE A 27 -2.19 -6.49 5.85
C PHE A 27 -2.44 -7.54 6.91
N ILE A 28 -3.40 -8.43 6.68
CA ILE A 28 -3.66 -9.53 7.61
C ILE A 28 -2.38 -10.32 7.86
N GLU A 29 -1.73 -10.77 6.79
CA GLU A 29 -0.52 -11.58 6.95
C GLU A 29 0.57 -10.80 7.66
N TYR A 30 0.69 -9.50 7.37
CA TYR A 30 1.77 -8.74 7.98
C TYR A 30 1.50 -8.45 9.45
N CYS A 31 0.22 -8.33 9.83
CA CYS A 31 -0.11 -8.02 11.22
C CYS A 31 -0.09 -9.27 12.09
N THR A 32 -0.65 -10.38 11.61
CA THR A 32 -0.74 -11.60 12.40
C THR A 32 0.45 -12.53 12.20
N GLY A 33 1.19 -12.39 11.11
CA GLY A 33 2.23 -13.34 10.80
C GLY A 33 1.72 -14.69 10.34
N LYS A 34 0.45 -14.77 9.94
CA LYS A 34 -0.16 -16.01 9.47
C LYS A 34 -0.25 -16.01 7.95
N ASN A 35 0.07 -17.16 7.36
CA ASN A 35 0.09 -17.28 5.91
C ASN A 35 -1.31 -17.08 5.33
N ARG A 36 -1.38 -16.30 4.25
CA ARG A 36 -2.65 -16.01 3.58
C ARG A 36 -2.61 -16.40 2.11
N ASN A 37 -1.62 -17.20 1.69
CA ASN A 37 -1.52 -17.58 0.29
C ASN A 37 -2.71 -18.40 -0.19
N PHE A 38 -3.48 -18.99 0.71
CA PHE A 38 -4.60 -19.84 0.35
C PHE A 38 -5.95 -19.22 0.66
N HIS A 39 -5.98 -17.92 0.98
CA HIS A 39 -7.22 -17.17 1.10
C HIS A 39 -7.43 -16.18 -0.03
N VAL A 40 -6.38 -15.87 -0.79
CA VAL A 40 -6.43 -14.86 -1.84
C VAL A 40 -6.93 -15.50 -3.13
N GLU A 41 -7.59 -14.67 -3.94
CA GLU A 41 -8.08 -15.13 -5.24
C GLU A 41 -6.95 -15.44 -6.20
N ASP A 42 -5.95 -14.56 -6.25
CA ASP A 42 -4.83 -14.67 -7.20
C ASP A 42 -3.56 -14.94 -6.39
N GLU A 43 -3.13 -16.20 -6.38
CA GLU A 43 -2.00 -16.60 -5.55
C GLU A 43 -0.68 -16.10 -6.11
N ASN A 44 -0.52 -16.09 -7.44
CA ASN A 44 0.75 -15.69 -8.02
C ASN A 44 1.02 -14.21 -7.78
N THR A 45 0.01 -13.35 -7.99
CA THR A 45 0.18 -11.93 -7.68
C THR A 45 0.53 -11.73 -6.21
N TYR A 46 -0.16 -12.43 -5.31
CA TYR A 46 0.03 -12.20 -3.89
C TYR A 46 1.48 -12.44 -3.49
N ILE A 47 2.09 -13.52 -4.00
CA ILE A 47 3.47 -13.82 -3.66
C ILE A 47 4.38 -12.70 -4.15
N ILE A 48 4.16 -12.21 -5.37
CA ILE A 48 5.00 -11.14 -5.91
C ILE A 48 4.84 -9.88 -5.08
N VAL A 49 3.59 -9.42 -4.89
CA VAL A 49 3.36 -8.21 -4.11
C VAL A 49 3.79 -8.39 -2.66
N LYS A 50 3.56 -9.58 -2.11
CA LYS A 50 3.97 -9.83 -0.72
C LYS A 50 5.48 -9.65 -0.56
N ASN A 51 6.26 -10.15 -1.52
CA ASN A 51 7.71 -10.03 -1.43
C ASN A 51 8.17 -8.60 -1.71
N MET A 52 7.56 -7.96 -2.70
CA MET A 52 7.91 -6.58 -3.02
C MET A 52 7.78 -5.69 -1.78
N CYS A 53 6.67 -5.81 -1.06
CA CYS A 53 6.46 -4.97 0.11
C CYS A 53 7.39 -5.37 1.26
N ASP A 54 7.71 -6.66 1.37
CA ASP A 54 8.62 -7.10 2.43
C ASP A 54 10.04 -6.60 2.22
N ILE A 55 10.43 -6.37 0.96
CA ILE A 55 11.73 -5.77 0.69
C ILE A 55 11.74 -4.31 1.08
N ILE A 56 10.70 -3.57 0.67
CA ILE A 56 10.61 -2.15 1.01
C ILE A 56 10.59 -1.97 2.53
N LEU A 57 9.78 -2.77 3.22
CA LEU A 57 9.72 -2.68 4.67
C LEU A 57 11.08 -2.95 5.29
N ARG A 58 11.72 -4.06 4.88
CA ARG A 58 13.00 -4.43 5.48
C ARG A 58 14.03 -3.31 5.32
N ASP A 59 14.00 -2.58 4.21
CA ASP A 59 14.98 -1.54 3.93
C ASP A 59 14.55 -0.16 4.43
N ASN A 60 13.27 0.04 4.78
CA ASN A 60 12.79 1.38 5.09
C ASN A 60 11.90 1.41 6.33
N ILE A 61 11.91 0.36 7.14
CA ILE A 61 11.08 0.36 8.34
C ILE A 61 11.53 1.44 9.31
N VAL A 62 12.83 1.74 9.34
CA VAL A 62 13.35 2.76 10.25
C VAL A 62 12.84 4.14 9.87
N GLU A 63 12.94 4.49 8.58
CA GLU A 63 12.40 5.76 8.12
C GLU A 63 10.91 5.85 8.39
N PHE A 64 10.17 4.78 8.10
CA PHE A 64 8.74 4.77 8.41
C PHE A 64 8.49 5.07 9.88
N ARG A 65 9.29 4.49 10.78
CA ARG A 65 9.12 4.70 12.21
C ARG A 65 9.33 6.17 12.58
N LYS A 66 10.25 6.85 11.90
CA LYS A 66 10.49 8.27 12.21
C LYS A 66 9.37 9.14 11.66
N ASP A 67 9.03 8.95 10.38
CA ASP A 67 7.99 9.76 9.76
C ASP A 67 6.65 9.58 10.46
N ILE A 68 6.41 8.40 11.03
CA ILE A 68 5.12 8.11 11.64
C ILE A 68 4.99 8.80 13.00
N ASP A 69 6.08 8.80 13.79
CA ASP A 69 6.06 9.51 15.05
C ASP A 69 6.04 11.02 14.86
N ARG A 70 6.39 11.50 13.67
CA ARG A 70 6.38 12.91 13.33
C ARG A 70 5.00 13.42 12.93
N CYS A 71 4.00 12.54 12.84
CA CYS A 71 2.71 12.87 12.25
C CYS A 71 1.60 12.41 13.17
N SER A 72 0.95 13.35 13.85
CA SER A 72 -0.27 13.08 14.60
C SER A 72 -1.46 13.03 13.65
N ASP A 73 -2.50 12.32 14.07
CA ASP A 73 -3.73 12.21 13.30
C ASP A 73 -3.44 11.70 11.90
N ILE A 74 -2.88 10.49 11.84
CA ILE A 74 -2.41 9.94 10.58
C ILE A 74 -3.52 9.20 9.82
N GLU A 75 -4.57 8.71 10.49
CA GLU A 75 -5.60 7.97 9.75
C GLU A 75 -6.28 8.86 8.72
N ASN A 76 -6.63 10.08 9.11
CA ASN A 76 -7.32 11.00 8.20
C ASN A 76 -6.36 11.70 7.25
N GLU A 77 -5.07 11.37 7.28
CA GLU A 77 -4.09 11.90 6.34
C GLU A 77 -3.64 10.88 5.30
N ILE A 78 -4.16 9.64 5.35
CA ILE A 78 -3.77 8.64 4.36
C ILE A 78 -4.14 9.07 2.95
N PRO A 79 -5.37 9.50 2.67
CA PRO A 79 -5.69 9.89 1.28
C PRO A 79 -4.78 10.99 0.74
N GLU A 80 -4.30 11.89 1.61
CA GLU A 80 -3.44 12.97 1.15
C GLU A 80 -2.05 12.46 0.82
N ILE A 81 -1.51 11.54 1.63
CA ILE A 81 -0.22 10.95 1.34
C ILE A 81 -0.26 10.22 0.01
N VAL A 82 -1.28 9.39 -0.18
CA VAL A 82 -1.42 8.67 -1.45
C VAL A 82 -1.55 9.66 -2.60
N TYR A 83 -2.38 10.69 -2.43
CA TYR A 83 -2.54 11.69 -3.48
C TYR A 83 -1.20 12.33 -3.83
N ASP A 84 -0.47 12.77 -2.81
CA ASP A 84 0.78 13.48 -3.03
C ASP A 84 1.92 12.57 -3.47
N THR A 85 1.71 11.26 -3.55
CA THR A 85 2.75 10.34 -3.98
C THR A 85 2.69 10.03 -5.47
N ILE A 86 1.50 10.13 -6.08
CA ILE A 86 1.31 9.64 -7.44
C ILE A 86 0.47 10.63 -8.24
N HIS A 87 0.40 11.88 -7.79
CA HIS A 87 -0.39 12.87 -8.50
C HIS A 87 0.33 13.33 -9.77
N ASP A 88 1.66 13.44 -9.73
CA ASP A 88 2.41 13.82 -10.92
C ASP A 88 2.61 12.64 -11.86
N LYS A 89 2.74 11.43 -11.33
CA LYS A 89 2.92 10.24 -12.16
C LYS A 89 2.59 9.00 -11.33
N ILE A 90 2.04 7.99 -11.98
CA ILE A 90 1.71 6.71 -11.36
C ILE A 90 2.71 5.67 -11.86
N THR A 91 3.37 4.99 -10.93
CA THR A 91 4.23 3.86 -11.26
C THR A 91 3.99 2.75 -10.24
N TRP A 92 4.29 1.52 -10.66
CA TRP A 92 4.11 0.39 -9.75
C TRP A 92 5.02 0.51 -8.54
N GLY A 93 6.20 1.10 -8.70
CA GLY A 93 7.07 1.31 -7.55
C GLY A 93 6.42 2.17 -6.49
N ARG A 94 5.77 3.26 -6.90
CA ARG A 94 5.07 4.11 -5.94
C ARG A 94 3.85 3.40 -5.36
N VAL A 95 3.10 2.68 -6.20
CA VAL A 95 1.92 1.97 -5.73
C VAL A 95 2.31 0.94 -4.67
N ILE A 96 3.42 0.23 -4.89
CA ILE A 96 3.85 -0.78 -3.93
C ILE A 96 4.33 -0.12 -2.64
N SER A 97 5.08 0.98 -2.75
CA SER A 97 5.55 1.69 -1.57
C SER A 97 4.38 2.15 -0.70
N ILE A 98 3.28 2.58 -1.34
CA ILE A 98 2.08 2.95 -0.60
C ILE A 98 1.55 1.76 0.18
N ILE A 99 1.43 0.61 -0.49
CA ILE A 99 0.89 -0.57 0.15
C ILE A 99 1.76 -0.98 1.33
N ALA A 100 3.09 -0.94 1.15
CA ALA A 100 4.00 -1.33 2.21
C ALA A 100 3.87 -0.38 3.41
N PHE A 101 3.96 0.93 3.14
CA PHE A 101 3.79 1.91 4.21
C PHE A 101 2.41 1.80 4.83
N GLY A 102 1.38 1.55 4.01
CA GLY A 102 0.07 1.26 4.55
C GLY A 102 0.09 0.08 5.49
N ALA A 103 0.79 -0.99 5.11
CA ALA A 103 0.89 -2.16 5.98
C ALA A 103 1.54 -1.80 7.30
N TYR A 104 2.62 -1.02 7.27
CA TYR A 104 3.29 -0.65 8.52
C TYR A 104 2.36 0.13 9.43
N VAL A 105 1.68 1.14 8.90
CA VAL A 105 0.72 1.91 9.68
C VAL A 105 -0.30 0.99 10.33
N THR A 106 -0.84 0.05 9.55
CA THR A 106 -1.84 -0.87 10.07
C THR A 106 -1.30 -1.64 11.28
N LYS A 107 -0.10 -2.21 11.14
CA LYS A 107 0.52 -2.88 12.27
C LYS A 107 0.71 -1.91 13.43
N VAL A 108 1.11 -0.67 13.14
CA VAL A 108 1.38 0.30 14.20
C VAL A 108 0.11 0.62 14.98
N PHE A 109 -1.00 0.87 14.27
CA PHE A 109 -2.27 1.07 14.95
C PHE A 109 -2.75 -0.21 15.62
N LYS A 110 -2.31 -1.37 15.14
CA LYS A 110 -2.69 -2.63 15.77
C LYS A 110 -1.96 -2.82 17.09
N GLU A 111 -0.66 -2.56 17.11
CA GLU A 111 0.11 -2.68 18.35
C GLU A 111 -0.27 -1.58 19.33
N LYS A 112 -0.71 -0.43 18.84
CA LYS A 112 -1.29 0.58 19.71
C LYS A 112 -2.55 0.07 20.40
N GLY A 113 -3.25 -0.87 19.77
CA GLY A 113 -4.04 -1.87 20.48
C GLY A 113 -5.50 -2.00 20.08
N ARG A 114 -6.10 -1.00 19.43
CA ARG A 114 -7.52 -1.03 19.15
C ARG A 114 -7.79 -1.08 17.65
N ASP A 115 -8.64 -2.02 17.26
CA ASP A 115 -8.66 -2.60 15.93
C ASP A 115 -9.56 -1.87 14.95
N ASN A 116 -10.49 -1.04 15.42
CA ASN A 116 -11.50 -0.48 14.53
C ASN A 116 -10.88 0.25 13.34
N VAL A 117 -9.73 0.89 13.53
CA VAL A 117 -9.04 1.48 12.38
C VAL A 117 -8.42 0.40 11.51
N VAL A 118 -7.78 -0.58 12.13
CA VAL A 118 -7.14 -1.67 11.40
C VAL A 118 -8.13 -2.30 10.42
N ASP A 119 -9.39 -2.40 10.83
CA ASP A 119 -10.41 -2.98 9.95
C ASP A 119 -10.64 -2.14 8.70
N LEU A 120 -10.18 -0.89 8.69
CA LEU A 120 -10.48 0.03 7.60
C LEU A 120 -9.29 0.31 6.68
N MET A 121 -8.06 0.17 7.16
CA MET A 121 -6.90 0.55 6.36
C MET A 121 -6.92 -0.03 4.95
N PRO A 122 -7.26 -1.30 4.73
CA PRO A 122 -7.29 -1.80 3.34
C PRO A 122 -8.23 -1.00 2.45
N ASP A 123 -9.44 -0.74 2.89
CA ASP A 123 -10.38 0.04 2.10
C ASP A 123 -9.90 1.47 1.92
N ILE A 124 -9.27 2.04 2.95
CA ILE A 124 -8.88 3.45 2.90
C ILE A 124 -7.81 3.68 1.84
N ILE A 125 -6.81 2.81 1.75
CA ILE A 125 -5.78 3.01 0.74
C ILE A 125 -6.28 2.57 -0.63
N THR A 126 -7.03 1.46 -0.69
CA THR A 126 -7.62 1.05 -1.95
C THR A 126 -8.52 2.15 -2.51
N GLU A 127 -9.29 2.80 -1.64
CA GLU A 127 -10.09 3.95 -2.07
C GLU A 127 -9.19 5.07 -2.57
N SER A 128 -8.21 5.48 -1.76
CA SER A 128 -7.30 6.54 -2.18
C SER A 128 -6.55 6.14 -3.45
N LEU A 129 -6.15 4.88 -3.55
CA LEU A 129 -5.41 4.43 -4.73
C LEU A 129 -6.27 4.52 -5.98
N LEU A 130 -7.51 4.03 -5.89
CA LEU A 130 -8.39 4.03 -7.06
C LEU A 130 -8.94 5.41 -7.38
N SER A 131 -9.08 6.28 -6.37
CA SER A 131 -9.53 7.64 -6.63
C SER A 131 -8.65 8.37 -7.64
N ARG A 132 -7.46 7.84 -7.95
CA ARG A 132 -6.54 8.50 -8.87
C ARG A 132 -5.93 7.60 -9.93
N CYS A 133 -5.99 6.28 -9.77
CA CYS A 133 -5.24 5.36 -10.62
C CYS A 133 -6.11 4.32 -11.32
N ARG A 134 -7.44 4.42 -11.23
N ARG A 134 -7.44 4.42 -11.22
CA ARG A 134 -8.30 3.38 -11.77
CA ARG A 134 -8.31 3.40 -11.77
C ARG A 134 -8.02 3.12 -13.24
C ARG A 134 -8.01 3.13 -13.24
N SER A 135 -8.14 4.16 -14.08
CA SER A 135 -7.88 3.98 -15.50
C SER A 135 -6.48 3.45 -15.74
N TRP A 136 -5.50 3.96 -15.00
CA TRP A 136 -4.13 3.45 -15.11
C TRP A 136 -4.08 1.97 -14.77
N LEU A 137 -4.78 1.55 -13.72
CA LEU A 137 -4.81 0.14 -13.35
C LEU A 137 -5.60 -0.69 -14.36
N SER A 138 -6.75 -0.18 -14.80
CA SER A 138 -7.56 -0.92 -15.76
C SER A 138 -6.79 -1.13 -17.06
N ASP A 139 -6.09 -0.10 -17.54
CA ASP A 139 -5.38 -0.21 -18.81
C ASP A 139 -4.24 -1.22 -18.77
N GLN A 140 -3.92 -1.76 -17.60
CA GLN A 140 -2.94 -2.83 -17.48
C GLN A 140 -3.57 -4.14 -17.00
N ASN A 141 -4.90 -4.22 -17.01
CA ASN A 141 -5.59 -5.39 -16.46
C ASN A 141 -5.18 -5.60 -15.00
N CYS A 142 -5.09 -4.49 -14.26
CA CYS A 142 -4.79 -4.51 -12.82
C CYS A 142 -3.41 -5.14 -12.63
N TRP A 143 -3.28 -6.20 -11.85
CA TRP A 143 -1.96 -6.68 -11.45
C TRP A 143 -1.18 -7.31 -12.60
N ASP A 144 -1.81 -7.55 -13.76
CA ASP A 144 -1.09 -8.12 -14.89
C ASP A 144 0.09 -7.23 -15.27
N GLY A 145 -0.08 -5.90 -15.20
CA GLY A 145 1.00 -5.00 -15.55
C GLY A 145 2.19 -5.10 -14.63
N LEU A 146 1.99 -5.63 -13.42
CA LEU A 146 3.08 -5.71 -12.44
C LEU A 146 3.96 -6.93 -12.64
N LYS A 147 3.47 -7.96 -13.31
CA LYS A 147 4.22 -9.20 -13.48
C LYS A 147 5.53 -8.95 -14.20
N PRO B 4 5.87 17.18 6.92
CA PRO B 4 5.07 16.24 7.71
C PRO B 4 4.39 15.19 6.81
N GLU B 5 3.11 15.38 6.46
CA GLU B 5 2.47 14.51 5.49
C GLU B 5 3.06 14.67 4.10
N ILE B 6 3.67 15.83 3.82
CA ILE B 6 4.33 16.03 2.54
C ILE B 6 5.70 15.36 2.53
N TRP B 7 6.37 15.32 3.69
CA TRP B 7 7.66 14.62 3.76
C TRP B 7 7.47 13.13 3.53
N ILE B 8 6.45 12.54 4.15
CA ILE B 8 6.13 11.13 3.90
C ILE B 8 5.94 10.90 2.41
N ALA B 9 5.08 11.71 1.78
CA ALA B 9 4.79 11.52 0.36
C ALA B 9 6.08 11.52 -0.46
N GLN B 10 6.98 12.47 -0.19
CA GLN B 10 8.20 12.56 -0.98
C GLN B 10 9.13 11.39 -0.72
N GLU B 11 9.10 10.81 0.48
CA GLU B 11 9.94 9.64 0.74
C GLU B 11 9.37 8.38 0.12
N LEU B 12 8.05 8.28 0.00
CA LEU B 12 7.47 7.17 -0.76
C LEU B 12 7.79 7.27 -2.24
N ARG B 13 8.08 8.48 -2.74
CA ARG B 13 8.46 8.63 -4.14
C ARG B 13 9.92 8.26 -4.36
N ARG B 14 10.81 8.66 -3.44
CA ARG B 14 12.19 8.20 -3.52
C ARG B 14 12.25 6.68 -3.43
N ILE B 15 11.55 6.11 -2.46
CA ILE B 15 11.53 4.65 -2.30
C ILE B 15 10.91 4.00 -3.53
N GLY B 16 9.80 4.55 -4.01
CA GLY B 16 9.14 3.96 -5.17
C GLY B 16 9.98 4.05 -6.42
N ASP B 17 10.69 5.17 -6.60
CA ASP B 17 11.46 5.37 -7.82
C ASP B 17 12.73 4.53 -7.82
N GLU B 18 13.42 4.46 -6.69
CA GLU B 18 14.60 3.61 -6.60
C GLU B 18 14.22 2.14 -6.70
N PHE B 19 13.21 1.71 -5.95
CA PHE B 19 12.72 0.34 -6.06
C PHE B 19 12.43 -0.01 -7.51
N ASN B 20 11.82 0.92 -8.24
CA ASN B 20 11.37 0.62 -9.60
C ASN B 20 12.56 0.48 -10.56
N ALA B 21 13.58 1.31 -10.39
CA ALA B 21 14.71 1.31 -11.32
C ALA B 21 15.54 0.03 -11.18
N TYR B 22 15.73 -0.45 -9.95
CA TYR B 22 16.56 -1.62 -9.72
C TYR B 22 15.90 -2.93 -10.11
N TYR B 23 14.62 -2.92 -10.51
CA TYR B 23 13.89 -4.13 -10.88
C TYR B 23 13.11 -3.88 -12.17
N ALA B 24 13.84 -3.74 -13.27
CA ALA B 24 13.22 -3.53 -14.58
C ALA B 24 12.28 -2.34 -14.55
#